data_3O2W
#
_entry.id   3O2W
#
_cell.length_a   128.203
_cell.length_b   128.203
_cell.length_c   92.144
_cell.angle_alpha   90.00
_cell.angle_beta   90.00
_cell.angle_gamma   120.00
#
_symmetry.space_group_name_H-M   'P 31 2 1'
#
loop_
_entity.id
_entity.type
_entity.pdbx_description
1 polymer 'Chimeric antibody Fab 1E9, light chain'
2 polymer 'Chimeric antibody Fab 1E9, heavy chain'
3 non-polymer 'methyl ({[(3aR,4R,7R,7aR)-2-(4-aminophenyl)-1,3-dioxooctahydro-4H-4,7-ethanoisoindol-4-yl]carbamoyl}oxy)acetate'
4 non-polymer 2-AMINO-2-HYDROXYMETHYL-PROPANE-1,3-DIOL
5 non-polymer 'SULFATE ION'
6 non-polymer 'CITRATE ANION'
7 water water
#
loop_
_entity_poly.entity_id
_entity_poly.type
_entity_poly.pdbx_seq_one_letter_code
_entity_poly.pdbx_strand_id
1 'polypeptide(L)'
;ELVMTQTPLSLPVSLGDQASISCRSSQSLVHSNGNTYLHWYLQKPGQSPKFLIYKVSNRFSGVPDRFSGSGSGTDFILKI
SRVEAEDLGVYFCSQSTHFFPTFGGGTKLEIKRTVAAPSVFIFPPSDEQLKSGTASVVCLLNNFYPREAKVQWKVDNALQ
SGNSQESVTEQDSKDSTYSLSSTLTLSKADYEKHKVYACEVTHQGLSSPVTKSFNRGEC
;
L
2 'polypeptide(L)'
;QVQLVQSGPELKKPGETVKISCKASGYMFTNYGMNWVKQAPGKALKWMGWINPYTGESTFADDFKGRFAFFLETSATTAY
LQINNLKNEDTATYFCARGTTIVRAFDYWGQGTSVTVSSASTKGPSVFPLAPSSKSTSGGTAALGCLVKDYFPEPVTVSW
NSGALTSGVHTFPAVLQSSGLYSLSSVVTVPSSSLGTQTYICNVNHKPSNTKVDKKVEPKSCDKTHT
;
H
#
# COMPACT_ATOMS: atom_id res chain seq x y z
N GLU A 1 8.57 -13.84 26.13
CA GLU A 1 7.59 -12.95 25.44
C GLU A 1 6.45 -13.73 24.74
N LEU A 2 5.42 -13.00 24.34
CA LEU A 2 4.18 -13.58 23.97
C LEU A 2 4.08 -13.78 22.47
N VAL A 3 4.28 -15.01 22.01
CA VAL A 3 3.99 -15.32 20.62
C VAL A 3 2.48 -15.36 20.39
N MET A 4 2.01 -14.71 19.32
CA MET A 4 0.62 -14.88 18.83
C MET A 4 0.67 -15.50 17.46
N THR A 5 -0.12 -16.53 17.23
CA THR A 5 -0.06 -17.25 15.95
C THR A 5 -1.38 -17.24 15.20
N GLN A 6 -1.40 -16.61 14.04
CA GLN A 6 -2.60 -16.59 13.18
C GLN A 6 -2.59 -17.70 12.20
N THR A 7 -3.76 -18.26 11.91
CA THR A 7 -3.83 -19.18 10.80
C THR A 7 -5.17 -18.99 10.05
N PRO A 8 -5.19 -19.15 8.71
CA PRO A 8 -4.04 -19.28 7.82
C PRO A 8 -3.28 -17.96 7.59
N LEU A 9 -2.21 -18.01 6.80
CA LEU A 9 -1.47 -16.85 6.35
C LEU A 9 -2.29 -16.12 5.29
N SER A 10 -2.89 -16.88 4.38
CA SER A 10 -3.82 -16.36 3.39
C SER A 10 -5.13 -17.14 3.38
N LEU A 11 -6.24 -16.43 3.35
CA LEU A 11 -7.48 -17.09 3.34
C LEU A 11 -8.22 -16.65 2.05
N PRO A 12 -8.25 -17.52 1.05
CA PRO A 12 -9.15 -17.36 -0.11
C PRO A 12 -10.57 -17.69 0.28
N VAL A 13 -11.52 -16.89 -0.17
CA VAL A 13 -12.93 -17.05 0.23
C VAL A 13 -13.86 -16.47 -0.85
N SER A 14 -15.03 -17.07 -1.06
CA SER A 14 -15.91 -16.54 -2.10
C SER A 14 -16.80 -15.45 -1.55
N LEU A 15 -17.24 -14.55 -2.42
CA LEU A 15 -18.26 -13.59 -2.00
C LEU A 15 -19.38 -14.37 -1.39
N GLY A 16 -19.86 -13.88 -0.25
CA GLY A 16 -21.04 -14.43 0.37
C GLY A 16 -20.79 -15.63 1.25
N ASP A 17 -19.58 -16.16 1.23
CA ASP A 17 -19.24 -17.25 2.11
C ASP A 17 -18.69 -16.77 3.45
N GLN A 18 -18.42 -17.72 4.32
CA GLN A 18 -17.95 -17.40 5.64
C GLN A 18 -16.42 -17.48 5.69
N ALA A 19 -15.76 -16.46 6.23
CA ALA A 19 -14.33 -16.56 6.48
C ALA A 19 -14.03 -16.72 7.97
N SER A 20 -13.14 -17.65 8.32
CA SER A 20 -12.69 -17.91 9.71
C SER A 20 -11.20 -17.74 9.92
N ILE A 21 -10.82 -16.79 10.74
CA ILE A 21 -9.42 -16.60 10.98
C ILE A 21 -9.14 -16.98 12.40
N SER A 22 -8.15 -17.85 12.62
CA SER A 22 -7.87 -18.27 14.00
C SER A 22 -6.63 -17.61 14.56
N CYS A 23 -6.66 -17.35 15.85
CA CYS A 23 -5.53 -16.70 16.53
C CYS A 23 -5.27 -17.34 17.91
N ARG A 24 -4.00 -17.59 18.19
CA ARG A 24 -3.60 -18.44 19.30
C ARG A 24 -2.35 -17.95 20.06
N SER A 25 -2.53 -17.59 21.32
CA SER A 25 -1.39 -17.13 22.09
C SER A 25 -0.68 -18.25 22.84
N SER A 26 0.64 -18.11 22.90
CA SER A 26 1.50 -18.92 23.76
C SER A 26 0.98 -19.06 25.21
N GLN A 27 0.37 -18.00 25.76
CA GLN A 27 -0.28 -18.09 27.09
C GLN A 27 -1.65 -17.41 27.17
N SER A 28 -2.38 -17.64 28.28
CA SER A 28 -3.75 -17.09 28.43
C SER A 28 -3.85 -15.58 28.49
N LEU A 29 -4.89 -15.06 27.85
CA LEU A 29 -5.08 -13.64 27.65
C LEU A 29 -6.08 -13.06 28.65
N VAL A 30 -6.49 -13.86 29.64
CA VAL A 30 -7.41 -13.40 30.65
C VAL A 30 -6.62 -12.68 31.73
N HIS A 31 -6.95 -11.41 31.96
CA HIS A 31 -6.28 -10.61 32.95
C HIS A 31 -6.65 -10.98 34.40
N SER A 32 -5.79 -10.65 35.36
CA SER A 32 -6.16 -10.95 36.73
C SER A 32 -7.43 -10.20 37.15
N ASN A 33 -7.77 -9.16 36.38
CA ASN A 33 -8.95 -8.32 36.65
C ASN A 33 -10.27 -8.76 35.98
N GLY A 34 -10.30 -9.93 35.34
CA GLY A 34 -11.54 -10.49 34.74
C GLY A 34 -11.63 -10.45 33.20
N ASN A 35 -10.81 -9.59 32.60
CA ASN A 35 -10.97 -9.19 31.23
C ASN A 35 -10.00 -9.87 30.29
N THR A 36 -10.45 -10.13 29.06
CA THR A 36 -9.58 -10.66 28.04
C THR A 36 -9.29 -9.57 27.01
N TYR A 37 -8.05 -9.10 27.00
CA TYR A 37 -7.67 -7.99 26.11
C TYR A 37 -7.15 -8.42 24.72
N LEU A 38 -7.98 -9.14 23.98
CA LEU A 38 -7.61 -9.61 22.64
C LEU A 38 -8.43 -8.82 21.65
N HIS A 39 -7.75 -8.20 20.67
CA HIS A 39 -8.36 -7.27 19.74
C HIS A 39 -8.11 -7.66 18.27
N TRP A 40 -8.88 -7.09 17.35
CA TRP A 40 -8.63 -7.37 15.93
C TRP A 40 -8.61 -6.06 15.20
N TYR A 41 -7.61 -5.94 14.33
CA TYR A 41 -7.47 -4.85 13.41
C TYR A 41 -7.54 -5.34 11.97
N LEU A 42 -7.85 -4.40 11.10
CA LEU A 42 -7.81 -4.70 9.69
C LEU A 42 -6.96 -3.64 8.95
N GLN A 43 -6.05 -4.07 8.09
CA GLN A 43 -5.31 -3.15 7.26
C GLN A 43 -5.57 -3.42 5.80
N LYS A 44 -6.22 -2.48 5.12
CA LYS A 44 -6.32 -2.57 3.68
C LYS A 44 -5.01 -2.05 3.11
N PRO A 45 -4.67 -2.51 1.88
CA PRO A 45 -3.44 -2.12 1.17
C PRO A 45 -3.14 -0.59 1.16
N GLY A 46 -1.87 -0.26 1.35
CA GLY A 46 -1.40 1.13 1.46
C GLY A 46 -1.94 1.91 2.66
N GLN A 47 -2.84 1.30 3.45
CA GLN A 47 -3.61 2.05 4.47
C GLN A 47 -3.20 1.73 5.91
N SER A 48 -3.50 2.61 6.85
CA SER A 48 -3.22 2.36 8.26
C SER A 48 -4.24 1.44 8.82
N PRO A 49 -3.89 0.65 9.85
CA PRO A 49 -4.87 -0.27 10.39
C PRO A 49 -6.14 0.45 10.86
N LYS A 50 -7.23 -0.32 10.85
CA LYS A 50 -8.51 0.13 11.36
C LYS A 50 -8.95 -0.83 12.44
N PHE A 51 -9.33 -0.24 13.56
CA PHE A 51 -9.88 -0.93 14.72
C PHE A 51 -11.15 -1.64 14.33
N LEU A 52 -11.23 -2.92 14.69
CA LEU A 52 -12.29 -3.81 14.25
C LEU A 52 -13.14 -4.43 15.38
N ILE A 53 -12.50 -5.22 16.24
CA ILE A 53 -13.18 -5.93 17.31
C ILE A 53 -12.45 -5.67 18.63
N TYR A 54 -13.12 -5.35 19.72
CA TYR A 54 -12.34 -5.21 20.95
C TYR A 54 -12.85 -6.15 22.01
N LYS A 55 -11.93 -6.61 22.87
CA LYS A 55 -12.25 -7.60 23.93
C LYS A 55 -12.98 -8.83 23.34
N VAL A 56 -12.32 -9.50 22.42
CA VAL A 56 -12.83 -10.76 21.91
C VAL A 56 -14.04 -10.67 21.00
N SER A 57 -15.11 -10.01 21.43
CA SER A 57 -16.40 -10.20 20.75
C SER A 57 -17.17 -8.91 20.52
N ASN A 58 -16.61 -7.77 20.84
CA ASN A 58 -17.33 -6.51 20.67
C ASN A 58 -16.89 -5.77 19.43
N ARG A 59 -17.82 -5.54 18.53
CA ARG A 59 -17.54 -4.72 17.36
C ARG A 59 -17.23 -3.28 17.77
N PHE A 60 -16.35 -2.63 17.03
CA PHE A 60 -16.07 -1.22 17.25
C PHE A 60 -17.19 -0.47 16.54
N SER A 61 -17.30 0.82 16.75
CA SER A 61 -18.34 1.59 16.12
C SER A 61 -18.19 1.51 14.62
N GLY A 62 -19.29 1.62 13.89
CA GLY A 62 -19.28 1.57 12.43
C GLY A 62 -18.89 0.24 11.81
N VAL A 63 -18.51 -0.74 12.62
CA VAL A 63 -18.14 -2.05 12.07
C VAL A 63 -19.37 -2.93 11.83
N PRO A 64 -19.61 -3.30 10.55
CA PRO A 64 -20.67 -4.22 10.08
C PRO A 64 -20.91 -5.39 11.02
N ASP A 65 -22.17 -5.73 11.23
N ASP A 65 -22.17 -5.75 11.14
CA ASP A 65 -22.53 -6.84 12.14
CA ASP A 65 -22.63 -6.77 12.05
C ASP A 65 -22.06 -8.20 11.63
C ASP A 65 -22.32 -8.20 11.54
N ARG A 66 -21.74 -8.30 10.34
CA ARG A 66 -21.26 -9.58 9.78
C ARG A 66 -19.88 -10.01 10.31
N PHE A 67 -19.19 -9.12 11.04
CA PHE A 67 -17.92 -9.46 11.67
C PHE A 67 -18.25 -9.89 13.07
N SER A 68 -17.51 -10.86 13.59
CA SER A 68 -17.90 -11.55 14.81
C SER A 68 -16.69 -12.20 15.46
N GLY A 69 -16.44 -11.94 16.74
CA GLY A 69 -15.21 -12.43 17.40
C GLY A 69 -15.60 -13.42 18.44
N SER A 70 -14.77 -14.43 18.70
CA SER A 70 -15.13 -15.40 19.73
C SER A 70 -13.91 -16.11 20.24
N GLY A 71 -14.10 -17.01 21.21
CA GLY A 71 -12.99 -17.75 21.81
C GLY A 71 -12.77 -17.33 23.23
N SER A 72 -11.83 -17.98 23.91
CA SER A 72 -11.44 -17.58 25.27
C SER A 72 -10.08 -18.16 25.59
N GLY A 73 -9.39 -17.56 26.57
CA GLY A 73 -8.14 -18.11 27.09
C GLY A 73 -6.93 -17.98 26.16
N THR A 74 -6.67 -19.02 25.37
CA THR A 74 -5.56 -18.96 24.43
C THR A 74 -5.98 -18.98 22.98
N ASP A 75 -7.23 -19.31 22.67
CA ASP A 75 -7.60 -19.47 21.24
C ASP A 75 -8.79 -18.60 20.87
N PHE A 76 -8.70 -17.91 19.72
CA PHE A 76 -9.71 -16.94 19.31
C PHE A 76 -10.02 -17.05 17.83
N ILE A 77 -11.24 -16.71 17.45
CA ILE A 77 -11.61 -16.71 16.06
C ILE A 77 -12.25 -15.41 15.66
N LEU A 78 -11.94 -14.94 14.46
CA LEU A 78 -12.72 -13.89 13.88
C LEU A 78 -13.52 -14.50 12.74
N LYS A 79 -14.84 -14.33 12.81
CA LYS A 79 -15.68 -14.77 11.69
C LYS A 79 -16.27 -13.61 10.92
N ILE A 80 -16.13 -13.73 9.60
CA ILE A 80 -16.73 -12.82 8.67
C ILE A 80 -17.70 -13.69 7.96
N SER A 81 -18.94 -13.64 8.41
CA SER A 81 -19.99 -14.42 7.81
C SER A 81 -20.39 -13.60 6.59
N ARG A 82 -20.90 -14.28 5.54
CA ARG A 82 -21.27 -13.65 4.26
C ARG A 82 -20.31 -12.54 3.84
N VAL A 83 -19.25 -12.91 3.12
CA VAL A 83 -18.18 -11.97 2.79
C VAL A 83 -18.46 -11.04 1.61
N GLU A 84 -17.98 -9.80 1.75
CA GLU A 84 -18.13 -8.75 0.77
C GLU A 84 -16.81 -8.31 0.20
N ALA A 85 -16.86 -7.79 -1.01
CA ALA A 85 -15.67 -7.39 -1.70
C ALA A 85 -14.82 -6.42 -0.91
N GLU A 86 -15.45 -5.55 -0.13
N GLU A 86 -15.45 -5.55 -0.13
CA GLU A 86 -14.69 -4.55 0.58
CA GLU A 86 -14.70 -4.55 0.64
C GLU A 86 -14.09 -5.09 1.89
C GLU A 86 -13.89 -5.15 1.78
N ASP A 87 -14.17 -6.41 2.10
CA ASP A 87 -13.62 -7.06 3.32
C ASP A 87 -12.15 -7.50 3.20
N LEU A 88 -11.58 -7.17 2.05
CA LEU A 88 -10.28 -7.56 1.59
C LEU A 88 -9.24 -6.80 2.40
N GLY A 89 -8.20 -7.51 2.81
CA GLY A 89 -7.07 -6.88 3.51
C GLY A 89 -6.38 -7.87 4.43
N VAL A 90 -5.52 -7.36 5.29
CA VAL A 90 -4.83 -8.20 6.24
C VAL A 90 -5.45 -7.98 7.59
N TYR A 91 -5.84 -9.07 8.23
CA TYR A 91 -6.44 -9.04 9.57
C TYR A 91 -5.38 -9.39 10.62
N PHE A 92 -5.26 -8.55 11.64
CA PHE A 92 -4.29 -8.79 12.73
C PHE A 92 -5.03 -8.94 14.03
N CYS A 93 -4.68 -9.95 14.82
CA CYS A 93 -5.10 -9.90 16.22
C CYS A 93 -3.97 -9.27 16.99
N SER A 94 -4.30 -8.80 18.18
CA SER A 94 -3.38 -8.07 19.00
C SER A 94 -3.81 -8.36 20.40
N GLN A 95 -2.86 -8.74 21.26
CA GLN A 95 -3.13 -8.86 22.71
C GLN A 95 -2.55 -7.66 23.45
N SER A 96 -3.26 -7.13 24.43
CA SER A 96 -2.63 -6.17 25.32
C SER A 96 -2.93 -6.42 26.80
N THR A 97 -3.12 -7.69 27.12
CA THR A 97 -3.32 -8.13 28.48
C THR A 97 -1.99 -8.19 29.23
N HIS A 98 -0.92 -8.55 28.54
CA HIS A 98 0.40 -8.63 29.15
C HIS A 98 1.28 -7.59 28.50
N PHE A 99 2.09 -6.89 29.30
CA PHE A 99 3.17 -6.11 28.72
C PHE A 99 4.24 -7.02 28.07
N PHE A 100 4.75 -6.72 26.88
CA PHE A 100 4.33 -5.64 25.99
C PHE A 100 3.32 -6.14 24.94
N PRO A 101 2.38 -5.28 24.48
CA PRO A 101 1.40 -5.70 23.48
C PRO A 101 2.03 -6.28 22.22
N THR A 102 1.42 -7.34 21.70
CA THR A 102 1.92 -7.99 20.51
C THR A 102 0.84 -8.13 19.45
N PHE A 103 1.23 -8.39 18.22
CA PHE A 103 0.30 -8.55 17.10
C PHE A 103 0.63 -9.86 16.51
N GLY A 104 -0.35 -10.61 16.06
CA GLY A 104 -0.04 -11.83 15.31
C GLY A 104 0.47 -11.44 13.94
N GLY A 105 0.97 -12.42 13.17
CA GLY A 105 1.60 -12.15 11.89
C GLY A 105 0.65 -11.63 10.81
N GLY A 106 -0.64 -11.61 11.09
CA GLY A 106 -1.62 -11.23 10.08
C GLY A 106 -2.08 -12.35 9.15
N THR A 107 -3.33 -12.26 8.70
CA THR A 107 -3.89 -13.15 7.70
C THR A 107 -4.42 -12.28 6.58
N LYS A 108 -3.98 -12.55 5.36
CA LYS A 108 -4.46 -11.81 4.21
C LYS A 108 -5.67 -12.51 3.65
N LEU A 109 -6.75 -11.78 3.54
CA LEU A 109 -7.96 -12.38 3.11
C LEU A 109 -8.13 -12.04 1.66
N GLU A 110 -8.14 -13.07 0.81
CA GLU A 110 -8.33 -12.88 -0.61
C GLU A 110 -9.72 -13.31 -1.05
N ILE A 111 -10.34 -12.60 -2.00
CA ILE A 111 -11.66 -12.97 -2.51
C ILE A 111 -11.51 -13.86 -3.72
N LYS A 112 -12.37 -14.85 -3.84
CA LYS A 112 -12.42 -15.62 -5.07
C LYS A 112 -13.66 -15.19 -5.80
N ARG A 113 -13.53 -15.00 -7.10
CA ARG A 113 -14.66 -14.66 -7.95
C ARG A 113 -14.51 -15.32 -9.31
N THR A 114 -15.46 -15.08 -10.21
CA THR A 114 -15.47 -15.77 -11.49
C THR A 114 -14.36 -15.16 -12.30
N VAL A 115 -13.75 -15.99 -13.14
CA VAL A 115 -12.85 -15.56 -14.12
C VAL A 115 -13.39 -14.30 -14.87
N ALA A 116 -12.47 -13.41 -15.26
CA ALA A 116 -12.76 -12.12 -15.91
C ALA A 116 -11.56 -11.74 -16.76
N ALA A 117 -11.82 -11.50 -18.05
CA ALA A 117 -10.82 -11.28 -19.09
C ALA A 117 -10.23 -9.90 -18.96
N PRO A 118 -8.95 -9.73 -19.33
CA PRO A 118 -8.36 -8.40 -19.30
C PRO A 118 -8.70 -7.54 -20.49
N SER A 119 -8.71 -6.22 -20.29
CA SER A 119 -8.66 -5.30 -21.45
C SER A 119 -7.20 -4.91 -21.67
N VAL A 120 -6.72 -5.03 -22.90
CA VAL A 120 -5.32 -4.80 -23.12
C VAL A 120 -5.15 -3.49 -23.84
N PHE A 121 -4.24 -2.67 -23.34
CA PHE A 121 -3.89 -1.39 -23.98
C PHE A 121 -2.39 -1.27 -24.10
N ILE A 122 -1.91 -0.74 -25.24
CA ILE A 122 -0.49 -0.53 -25.44
C ILE A 122 -0.17 0.97 -25.55
N PHE A 123 1.00 1.35 -25.08
CA PHE A 123 1.41 2.76 -25.04
C PHE A 123 2.82 2.93 -25.61
N PRO A 124 2.93 3.67 -26.72
CA PRO A 124 4.23 3.92 -27.28
C PRO A 124 4.99 4.77 -26.28
N PRO A 125 6.33 4.78 -26.36
CA PRO A 125 7.01 5.81 -25.60
C PRO A 125 6.69 7.20 -26.16
N SER A 126 6.73 8.19 -25.30
CA SER A 126 6.46 9.57 -25.66
C SER A 126 7.67 10.21 -26.29
N ASP A 127 7.42 11.36 -26.93
CA ASP A 127 8.50 12.13 -27.50
C ASP A 127 9.44 12.65 -26.44
N GLU A 128 8.86 13.23 -25.39
CA GLU A 128 9.64 13.83 -24.32
CA GLU A 128 9.60 13.83 -24.28
C GLU A 128 10.66 12.85 -23.73
N GLN A 129 10.25 11.59 -23.56
CA GLN A 129 11.13 10.53 -23.11
C GLN A 129 12.11 10.13 -24.20
N LEU A 130 11.62 9.93 -25.42
CA LEU A 130 12.53 9.66 -26.53
C LEU A 130 13.68 10.68 -26.64
N LYS A 131 13.37 11.96 -26.44
CA LYS A 131 14.43 12.98 -26.45
C LYS A 131 15.23 13.04 -25.14
N SER A 132 14.81 12.31 -24.12
CA SER A 132 15.63 12.18 -22.92
C SER A 132 16.61 11.01 -23.07
N GLY A 133 16.45 10.20 -24.12
CA GLY A 133 17.42 9.16 -24.46
C GLY A 133 17.05 7.70 -24.19
N THR A 134 15.94 7.45 -23.48
CA THR A 134 15.40 6.07 -23.32
C THR A 134 13.99 5.86 -23.93
N ALA A 135 13.60 4.60 -24.13
CA ALA A 135 12.26 4.30 -24.63
C ALA A 135 11.63 3.25 -23.70
N SER A 136 10.47 3.57 -23.12
CA SER A 136 9.69 2.61 -22.35
C SER A 136 8.41 2.32 -23.10
N VAL A 137 8.14 1.04 -23.37
CA VAL A 137 6.88 0.68 -23.97
C VAL A 137 6.04 0.01 -22.90
N VAL A 138 4.81 0.48 -22.76
CA VAL A 138 3.96 0.02 -21.68
C VAL A 138 2.75 -0.72 -22.19
N CYS A 139 2.56 -1.89 -21.59
CA CYS A 139 1.40 -2.73 -21.94
C CYS A 139 0.50 -2.89 -20.70
N LEU A 140 -0.78 -2.57 -20.86
CA LEU A 140 -1.71 -2.60 -19.71
C LEU A 140 -2.79 -3.66 -19.84
N LEU A 141 -2.82 -4.59 -18.88
CA LEU A 141 -3.95 -5.52 -18.73
C LEU A 141 -4.85 -5.05 -17.58
N ASN A 142 -6.07 -4.61 -17.92
CA ASN A 142 -6.95 -3.98 -16.94
C ASN A 142 -8.10 -4.92 -16.54
N ASN A 143 -8.41 -4.96 -15.23
CA ASN A 143 -9.56 -5.69 -14.61
C ASN A 143 -9.70 -7.17 -14.93
N PHE A 144 -8.82 -7.99 -14.37
CA PHE A 144 -8.89 -9.37 -14.71
C PHE A 144 -8.86 -10.22 -13.48
N TYR A 145 -9.27 -11.49 -13.64
CA TYR A 145 -9.18 -12.48 -12.58
C TYR A 145 -9.15 -13.82 -13.29
N PRO A 146 -8.31 -14.72 -12.82
CA PRO A 146 -7.45 -14.55 -11.68
C PRO A 146 -6.19 -13.80 -12.00
N ARG A 147 -5.35 -13.68 -10.97
CA ARG A 147 -4.06 -13.00 -11.07
C ARG A 147 -3.07 -13.48 -12.16
N GLU A 148 -2.80 -14.78 -12.21
N GLU A 148 -2.87 -14.80 -12.22
CA GLU A 148 -1.78 -15.26 -13.13
CA GLU A 148 -2.05 -15.46 -13.24
C GLU A 148 -2.13 -14.96 -14.58
C GLU A 148 -2.23 -14.84 -14.62
N ALA A 149 -1.13 -14.44 -15.26
CA ALA A 149 -1.20 -13.92 -16.65
C ALA A 149 0.17 -13.98 -17.29
N LYS A 150 0.20 -14.35 -18.56
CA LYS A 150 1.44 -14.46 -19.30
C LYS A 150 1.43 -13.34 -20.31
N VAL A 151 2.43 -12.46 -20.19
CA VAL A 151 2.61 -11.35 -21.11
C VAL A 151 3.95 -11.45 -21.78
N GLN A 152 3.91 -11.75 -23.06
CA GLN A 152 5.12 -11.83 -23.86
C GLN A 152 5.22 -10.57 -24.69
N TRP A 153 6.43 -10.03 -24.81
CA TRP A 153 6.66 -8.99 -25.76
C TRP A 153 7.28 -9.54 -27.03
N LYS A 154 6.84 -9.00 -28.17
CA LYS A 154 7.46 -9.30 -29.47
C LYS A 154 7.81 -7.99 -30.15
N VAL A 155 9.02 -7.95 -30.69
CA VAL A 155 9.55 -6.75 -31.33
C VAL A 155 10.03 -7.17 -32.71
N ASP A 156 9.44 -6.55 -33.73
CA ASP A 156 9.42 -7.07 -35.14
C ASP A 156 9.10 -8.56 -35.24
N ASN A 157 8.31 -9.06 -34.30
CA ASN A 157 7.97 -10.48 -34.21
C ASN A 157 9.07 -11.39 -33.68
N ALA A 158 10.01 -10.82 -32.94
CA ALA A 158 10.98 -11.61 -32.22
C ALA A 158 10.62 -11.59 -30.74
N LEU A 159 10.67 -12.75 -30.10
CA LEU A 159 10.33 -12.88 -28.68
C LEU A 159 11.41 -12.19 -27.83
N GLN A 160 10.99 -11.41 -26.83
CA GLN A 160 11.92 -10.73 -25.93
C GLN A 160 12.02 -11.47 -24.62
N SER A 161 13.20 -11.44 -24.02
CA SER A 161 13.38 -11.98 -22.67
C SER A 161 14.08 -10.93 -21.80
N GLY A 162 13.75 -10.89 -20.51
CA GLY A 162 14.59 -10.21 -19.48
C GLY A 162 14.99 -8.74 -19.67
N ASN A 163 14.15 -8.02 -20.40
CA ASN A 163 14.27 -6.59 -20.60
C ASN A 163 12.95 -5.84 -20.31
N SER A 164 12.02 -6.51 -19.60
CA SER A 164 10.72 -5.93 -19.19
C SER A 164 10.46 -6.18 -17.72
N GLN A 165 9.51 -5.42 -17.15
CA GLN A 165 9.05 -5.61 -15.76
C GLN A 165 7.54 -5.64 -15.67
N GLU A 166 7.04 -6.39 -14.68
CA GLU A 166 5.60 -6.43 -14.39
C GLU A 166 5.30 -5.83 -13.03
N SER A 167 4.17 -5.13 -12.97
CA SER A 167 3.68 -4.72 -11.67
C SER A 167 2.21 -5.09 -11.59
N VAL A 168 1.76 -5.46 -10.40
CA VAL A 168 0.36 -5.88 -10.25
C VAL A 168 -0.25 -5.15 -9.11
N THR A 169 -1.44 -4.63 -9.33
CA THR A 169 -2.24 -4.04 -8.23
C THR A 169 -2.68 -5.07 -7.18
N GLU A 170 -3.18 -4.57 -6.07
CA GLU A 170 -3.95 -5.37 -5.12
C GLU A 170 -5.32 -5.63 -5.73
N GLN A 171 -6.01 -6.66 -5.23
CA GLN A 171 -7.39 -6.89 -5.68
C GLN A 171 -8.24 -5.68 -5.40
N ASP A 172 -9.03 -5.33 -6.38
CA ASP A 172 -9.87 -4.17 -6.32
C ASP A 172 -10.91 -4.32 -5.23
N SER A 173 -11.13 -3.28 -4.46
CA SER A 173 -12.06 -3.45 -3.35
C SER A 173 -13.52 -3.33 -3.75
N LYS A 174 -13.83 -3.10 -5.02
CA LYS A 174 -15.22 -3.18 -5.47
C LYS A 174 -15.54 -4.41 -6.27
N ASP A 175 -14.69 -4.82 -7.20
CA ASP A 175 -15.03 -5.92 -8.10
C ASP A 175 -14.00 -7.06 -8.06
N SER A 176 -13.03 -6.92 -7.14
CA SER A 176 -12.08 -7.98 -6.82
C SER A 176 -11.14 -8.41 -7.94
N THR A 177 -11.03 -7.58 -8.97
CA THR A 177 -10.19 -7.93 -10.13
C THR A 177 -8.82 -7.33 -9.89
N TYR A 178 -7.87 -7.72 -10.76
CA TYR A 178 -6.52 -7.20 -10.78
C TYR A 178 -6.30 -6.46 -12.09
N SER A 179 -5.30 -5.58 -12.06
CA SER A 179 -4.70 -4.95 -13.22
C SER A 179 -3.18 -5.08 -13.10
N LEU A 180 -2.55 -5.09 -14.27
CA LEU A 180 -1.12 -5.35 -14.42
C LEU A 180 -0.55 -4.47 -15.52
N SER A 181 0.71 -4.05 -15.35
CA SER A 181 1.46 -3.41 -16.40
C SER A 181 2.74 -4.18 -16.69
N SER A 182 2.96 -4.45 -17.96
CA SER A 182 4.26 -4.87 -18.47
C SER A 182 4.96 -3.71 -19.17
N THR A 183 6.22 -3.50 -18.82
CA THR A 183 6.97 -2.40 -19.39
C THR A 183 8.25 -2.90 -20.03
N LEU A 184 8.40 -2.61 -21.32
CA LEU A 184 9.61 -2.88 -22.08
C LEU A 184 10.44 -1.61 -22.09
N THR A 185 11.67 -1.73 -21.66
CA THR A 185 12.54 -0.58 -21.49
C THR A 185 13.70 -0.84 -22.43
N LEU A 186 13.98 0.12 -23.28
CA LEU A 186 15.04 -0.06 -24.24
C LEU A 186 15.73 1.27 -24.29
N SER A 187 16.90 1.32 -24.92
CA SER A 187 17.52 2.61 -25.13
C SER A 187 16.94 3.11 -26.43
N LYS A 188 16.77 4.43 -26.51
CA LYS A 188 16.24 5.07 -27.71
C LYS A 188 16.85 4.50 -28.98
N ALA A 189 18.10 4.06 -28.89
CA ALA A 189 18.84 3.53 -30.03
C ALA A 189 18.36 2.15 -30.46
N ASP A 190 18.21 1.22 -29.49
CA ASP A 190 17.64 -0.10 -29.76
C ASP A 190 16.24 0.10 -30.30
N TYR A 191 15.50 1.03 -29.67
CA TYR A 191 14.11 1.30 -30.03
C TYR A 191 13.92 1.60 -31.52
N GLU A 192 14.77 2.45 -32.07
CA GLU A 192 14.54 2.88 -33.41
C GLU A 192 15.00 1.85 -34.44
N LYS A 193 15.57 0.76 -33.97
CA LYS A 193 16.02 -0.34 -34.83
C LYS A 193 14.88 -1.18 -35.36
N HIS A 194 13.69 -1.00 -34.79
CA HIS A 194 12.55 -1.83 -35.10
C HIS A 194 11.32 -0.96 -35.38
N LYS A 195 10.31 -1.50 -36.05
CA LYS A 195 9.09 -0.72 -36.33
C LYS A 195 7.91 -1.19 -35.48
N VAL A 196 7.73 -2.51 -35.43
CA VAL A 196 6.58 -3.12 -34.78
C VAL A 196 6.85 -3.41 -33.31
N TYR A 197 5.87 -3.08 -32.47
CA TYR A 197 5.95 -3.30 -31.05
C TYR A 197 4.63 -3.87 -30.58
N ALA A 198 4.69 -5.08 -30.01
CA ALA A 198 3.52 -5.90 -29.71
C ALA A 198 3.62 -6.57 -28.33
N CYS A 199 2.50 -6.62 -27.61
CA CYS A 199 2.41 -7.43 -26.38
C CYS A 199 1.28 -8.45 -26.54
N GLU A 200 1.58 -9.71 -26.28
CA GLU A 200 0.66 -10.80 -26.44
C GLU A 200 0.29 -11.41 -25.10
N VAL A 201 -1.01 -11.36 -24.80
CA VAL A 201 -1.53 -11.78 -23.50
C VAL A 201 -2.24 -13.13 -23.53
N THR A 202 -1.94 -13.93 -22.53
CA THR A 202 -2.54 -15.24 -22.37
C THR A 202 -3.12 -15.24 -20.98
N HIS A 203 -4.39 -15.64 -20.88
CA HIS A 203 -5.11 -15.56 -19.61
C HIS A 203 -6.31 -16.49 -19.62
N GLN A 204 -6.65 -17.03 -18.44
CA GLN A 204 -7.83 -17.89 -18.22
C GLN A 204 -9.17 -17.37 -18.83
N GLY A 205 -9.36 -16.05 -18.83
CA GLY A 205 -10.53 -15.41 -19.44
C GLY A 205 -10.61 -15.44 -20.95
N LEU A 206 -9.46 -15.44 -21.63
CA LEU A 206 -9.39 -15.38 -23.07
C LEU A 206 -9.22 -16.78 -23.69
N SER A 207 -10.00 -17.06 -24.73
CA SER A 207 -9.92 -18.36 -25.35
C SER A 207 -8.71 -18.49 -26.25
N SER A 208 -8.13 -17.36 -26.63
CA SER A 208 -6.94 -17.33 -27.46
C SER A 208 -6.17 -16.13 -27.03
N PRO A 209 -4.83 -16.20 -27.00
CA PRO A 209 -4.01 -15.04 -26.60
C PRO A 209 -4.39 -13.78 -27.36
N VAL A 210 -4.42 -12.65 -26.66
CA VAL A 210 -4.72 -11.38 -27.33
C VAL A 210 -3.45 -10.56 -27.59
N THR A 211 -3.35 -9.96 -28.77
CA THR A 211 -2.14 -9.24 -29.13
C THR A 211 -2.47 -7.80 -29.40
N LYS A 212 -1.67 -6.91 -28.85
CA LYS A 212 -1.90 -5.48 -28.97
C LYS A 212 -0.61 -4.82 -29.49
N SER A 213 -0.64 -4.20 -30.67
CA SER A 213 0.61 -3.71 -31.27
C SER A 213 0.55 -2.34 -31.92
N PHE A 214 1.72 -1.83 -32.29
CA PHE A 214 1.84 -0.57 -33.02
C PHE A 214 3.20 -0.47 -33.68
N ASN A 215 3.24 0.09 -34.88
CA ASN A 215 4.51 0.43 -35.53
C ASN A 215 4.94 1.86 -35.23
N ARG A 216 6.24 2.05 -35.07
CA ARG A 216 6.80 3.34 -34.62
C ARG A 216 6.49 4.54 -35.54
N GLY A 217 6.25 5.70 -34.88
CA GLY A 217 5.93 6.97 -35.56
C GLY A 217 4.45 7.12 -35.91
N GLU A 218 3.58 6.80 -34.95
CA GLU A 218 2.15 6.66 -35.23
C GLU A 218 1.33 7.63 -34.39
N GLN B 1 -14.11 14.69 15.27
CA GLN B 1 -13.55 13.40 14.79
C GLN B 1 -12.08 13.30 15.13
N VAL B 2 -11.71 12.13 15.61
CA VAL B 2 -10.34 11.86 15.92
C VAL B 2 -9.58 11.79 14.62
N GLN B 3 -8.50 12.58 14.56
CA GLN B 3 -7.53 12.58 13.47
C GLN B 3 -6.12 12.48 13.99
N LEU B 4 -5.34 11.63 13.31
CA LEU B 4 -3.92 11.45 13.57
C LEU B 4 -3.16 11.69 12.25
N VAL B 5 -2.65 12.90 12.08
CA VAL B 5 -1.97 13.24 10.85
C VAL B 5 -0.47 13.33 11.11
N GLN B 6 0.29 12.47 10.42
CA GLN B 6 1.73 12.35 10.64
C GLN B 6 2.54 13.09 9.56
N SER B 7 3.78 13.43 9.90
CA SER B 7 4.70 14.08 8.96
C SER B 7 5.06 13.16 7.78
N GLY B 8 5.56 13.77 6.69
CA GLY B 8 5.76 13.11 5.39
C GLY B 8 6.95 12.20 5.40
N PRO B 9 7.19 11.49 4.28
CA PRO B 9 8.26 10.49 4.14
C PRO B 9 9.67 11.03 4.30
N GLU B 10 10.61 10.19 4.73
CA GLU B 10 12.01 10.65 4.92
C GLU B 10 13.06 9.73 4.29
N LEU B 11 14.19 10.32 3.93
CA LEU B 11 15.37 9.60 3.52
C LEU B 11 16.48 10.06 4.44
N LYS B 12 17.23 9.12 5.00
CA LYS B 12 18.24 9.48 5.98
C LYS B 12 19.47 8.60 5.81
N LYS B 13 20.63 9.15 6.13
CA LYS B 13 21.87 8.38 6.04
C LYS B 13 22.07 7.52 7.28
N PRO B 14 22.65 6.32 7.10
CA PRO B 14 22.95 5.48 8.26
C PRO B 14 23.65 6.32 9.31
N GLY B 15 23.26 6.19 10.57
CA GLY B 15 23.92 6.96 11.63
C GLY B 15 23.31 8.33 11.96
N GLU B 16 22.47 8.86 11.06
CA GLU B 16 21.74 10.12 11.33
C GLU B 16 20.55 9.92 12.32
N THR B 17 19.77 10.98 12.47
CA THR B 17 18.66 11.03 13.40
C THR B 17 17.42 11.50 12.63
N VAL B 18 16.27 10.91 12.91
CA VAL B 18 15.00 11.34 12.29
C VAL B 18 14.00 11.57 13.39
N LYS B 19 13.28 12.70 13.32
CA LYS B 19 12.17 12.97 14.22
C LYS B 19 10.88 12.93 13.37
N ILE B 20 9.92 12.09 13.75
CA ILE B 20 8.65 11.99 13.03
C ILE B 20 7.51 12.53 13.90
N SER B 21 6.64 13.33 13.31
CA SER B 21 5.59 13.97 14.06
C SER B 21 4.24 13.39 13.67
N CYS B 22 3.33 13.43 14.63
CA CYS B 22 1.98 12.92 14.54
C CYS B 22 1.13 13.95 15.30
N LYS B 23 0.40 14.75 14.53
CA LYS B 23 -0.40 15.84 15.03
C LYS B 23 -1.83 15.29 15.28
N ALA B 24 -2.27 15.39 16.54
CA ALA B 24 -3.53 14.83 16.96
C ALA B 24 -4.60 15.89 17.01
N SER B 25 -5.81 15.57 16.56
CA SER B 25 -6.93 16.50 16.78
C SER B 25 -8.26 15.78 17.02
N GLY B 26 -9.25 16.51 17.53
CA GLY B 26 -10.58 15.98 17.69
C GLY B 26 -10.89 15.34 19.04
N TYR B 27 -10.00 15.53 20.02
CA TYR B 27 -10.17 15.03 21.38
C TYR B 27 -9.18 15.63 22.35
N MET B 28 -9.50 15.60 23.65
CA MET B 28 -8.54 15.94 24.71
CA MET B 28 -8.58 15.92 24.72
C MET B 28 -7.31 15.07 24.57
N PHE B 29 -6.25 15.71 24.07
CA PHE B 29 -4.97 15.10 23.78
C PHE B 29 -4.37 14.40 24.98
N THR B 30 -4.43 15.05 26.14
CA THR B 30 -3.72 14.57 27.31
C THR B 30 -4.34 13.36 28.02
N ASN B 31 -5.41 12.80 27.49
CA ASN B 31 -6.17 11.81 28.24
C ASN B 31 -6.13 10.44 27.57
N TYR B 32 -5.35 10.31 26.50
CA TYR B 32 -5.18 9.05 25.82
C TYR B 32 -3.70 8.79 25.57
N GLY B 33 -3.34 7.51 25.51
CA GLY B 33 -1.98 7.17 25.22
C GLY B 33 -1.65 7.47 23.77
N MET B 34 -0.38 7.77 23.55
CA MET B 34 0.16 7.85 22.24
C MET B 34 1.13 6.68 22.01
N ASN B 35 0.81 5.82 21.05
CA ASN B 35 1.58 4.61 20.80
C ASN B 35 2.27 4.66 19.46
N TRP B 36 3.44 4.05 19.37
CA TRP B 36 4.11 3.98 18.11
C TRP B 36 4.29 2.54 17.70
N VAL B 37 4.02 2.27 16.42
CA VAL B 37 4.04 0.90 15.88
C VAL B 37 4.88 0.87 14.64
N LYS B 38 5.82 -0.06 14.55
CA LYS B 38 6.68 -0.09 13.36
C LYS B 38 6.19 -1.16 12.38
N GLN B 39 6.17 -0.84 11.09
CA GLN B 39 5.86 -1.87 10.10
C GLN B 39 6.87 -1.97 8.99
N ALA B 40 7.53 -3.11 8.85
CA ALA B 40 8.53 -3.22 7.80
C ALA B 40 7.88 -3.71 6.52
N PRO B 41 8.41 -3.30 5.34
CA PRO B 41 7.86 -3.79 4.05
C PRO B 41 7.53 -5.26 4.13
N GLY B 42 6.23 -5.55 4.05
CA GLY B 42 5.67 -6.91 4.00
C GLY B 42 5.44 -7.60 5.34
N LYS B 43 5.61 -6.87 6.46
CA LYS B 43 5.75 -7.49 7.82
C LYS B 43 4.61 -7.26 8.82
N ALA B 44 4.56 -8.10 9.85
CA ALA B 44 3.60 -7.88 10.90
C ALA B 44 3.89 -6.56 11.63
N LEU B 45 2.89 -6.00 12.28
CA LEU B 45 3.05 -4.74 12.97
C LEU B 45 3.85 -4.97 14.26
N LYS B 46 4.67 -4.02 14.65
CA LYS B 46 5.41 -4.18 15.90
C LYS B 46 5.22 -3.00 16.83
N TRP B 47 4.81 -3.30 18.06
CA TRP B 47 4.59 -2.26 19.02
C TRP B 47 5.93 -1.82 19.51
N MET B 48 6.27 -0.56 19.23
CA MET B 48 7.47 0.02 19.73
C MET B 48 7.35 0.50 21.17
N GLY B 49 6.33 1.28 21.47
CA GLY B 49 6.20 1.80 22.83
C GLY B 49 5.08 2.78 22.88
N TRP B 50 4.89 3.39 24.03
CA TRP B 50 3.97 4.51 24.14
C TRP B 50 4.43 5.53 25.12
N ILE B 51 3.82 6.71 25.01
CA ILE B 51 4.05 7.73 25.96
C ILE B 51 2.69 8.17 26.51
N ASN B 52 2.71 8.46 27.80
CA ASN B 52 1.56 8.82 28.55
C ASN B 52 1.58 10.34 28.77
N PRO B 53 0.79 11.08 27.96
CA PRO B 53 0.67 12.55 27.92
C PRO B 53 0.33 13.12 29.25
N TYR B 54 -0.28 12.31 30.07
CA TYR B 54 -0.70 12.77 31.37
C TYR B 54 0.46 12.82 32.31
N THR B 55 1.38 11.86 32.26
CA THR B 55 2.52 11.81 33.17
C THR B 55 3.86 12.20 32.50
N GLY B 56 3.89 12.14 31.17
CA GLY B 56 5.08 12.49 30.40
C GLY B 56 5.89 11.25 30.19
N GLU B 57 5.45 10.15 30.79
CA GLU B 57 6.21 8.91 30.84
C GLU B 57 6.14 7.98 29.60
N SER B 58 7.32 7.44 29.26
CA SER B 58 7.48 6.58 28.09
C SER B 58 7.74 5.15 28.48
N THR B 59 7.29 4.22 27.65
CA THR B 59 7.56 2.79 27.87
C THR B 59 7.81 2.08 26.54
N PHE B 60 8.84 1.26 26.50
CA PHE B 60 9.32 0.68 25.28
C PHE B 60 9.32 -0.84 25.33
N ALA B 61 9.03 -1.47 24.19
CA ALA B 61 9.24 -2.89 24.01
C ALA B 61 10.75 -3.18 24.01
N ASP B 62 11.13 -4.42 24.33
CA ASP B 62 12.55 -4.82 24.44
C ASP B 62 13.34 -4.39 23.22
N ASP B 63 12.84 -4.71 22.04
CA ASP B 63 13.58 -4.36 20.84
C ASP B 63 13.78 -2.85 20.62
N PHE B 64 13.10 -2.03 21.39
CA PHE B 64 13.16 -0.61 21.07
C PHE B 64 13.68 0.19 22.21
N LYS B 65 14.43 -0.46 23.10
CA LYS B 65 15.16 0.25 24.15
C LYS B 65 16.49 0.74 23.55
N GLY B 66 16.94 1.92 23.94
CA GLY B 66 18.19 2.45 23.42
C GLY B 66 18.08 3.63 22.45
N ARG B 67 17.88 3.34 21.18
CA ARG B 67 17.99 4.37 20.17
C ARG B 67 16.70 5.17 19.92
N PHE B 68 15.66 4.88 20.68
CA PHE B 68 14.30 5.42 20.43
C PHE B 68 13.82 6.33 21.58
N ALA B 69 13.30 7.51 21.22
CA ALA B 69 12.62 8.43 22.18
C ALA B 69 11.24 8.94 21.65
N PHE B 70 10.38 9.35 22.59
CA PHE B 70 9.06 9.85 22.31
C PHE B 70 8.94 11.21 22.96
N PHE B 71 8.44 12.19 22.23
CA PHE B 71 8.30 13.52 22.82
C PHE B 71 6.90 14.06 22.63
N LEU B 72 6.56 15.10 23.39
CA LEU B 72 5.24 15.68 23.36
C LEU B 72 5.27 17.16 23.26
N GLU B 73 4.36 17.69 22.45
CA GLU B 73 4.08 19.11 22.46
C GLU B 73 2.60 19.22 22.74
N THR B 74 2.29 19.19 24.03
CA THR B 74 0.93 19.22 24.51
C THR B 74 0.16 20.41 23.90
N SER B 75 0.63 21.62 24.12
CA SER B 75 -0.05 22.76 23.53
C SER B 75 -0.37 22.48 22.05
N ALA B 76 0.59 22.05 21.25
CA ALA B 76 0.29 21.78 19.84
C ALA B 76 -0.28 20.37 19.55
N THR B 77 -0.76 19.69 20.58
CA THR B 77 -1.31 18.35 20.48
C THR B 77 -0.54 17.48 19.48
N THR B 78 0.78 17.47 19.61
CA THR B 78 1.65 16.74 18.72
C THR B 78 2.62 15.85 19.47
N ALA B 79 2.73 14.64 18.97
CA ALA B 79 3.60 13.66 19.54
C ALA B 79 4.74 13.41 18.56
N TYR B 80 5.89 13.03 19.10
CA TYR B 80 7.01 12.66 18.26
C TYR B 80 7.68 11.36 18.64
N LEU B 81 8.24 10.76 17.59
CA LEU B 81 9.11 9.62 17.62
C LEU B 81 10.48 10.03 17.05
N GLN B 82 11.53 9.96 17.86
CA GLN B 82 12.90 10.15 17.35
C GLN B 82 13.68 8.86 17.45
N ILE B 83 14.36 8.55 16.34
CA ILE B 83 15.29 7.41 16.21
C ILE B 83 16.72 7.93 16.00
N ASN B 84 17.63 7.52 16.86
CA ASN B 84 19.04 7.90 16.77
C ASN B 84 19.89 6.82 16.14
N ASN B 85 20.94 7.25 15.46
CA ASN B 85 21.93 6.33 14.96
C ASN B 85 21.29 5.33 13.99
N LEU B 86 20.56 5.88 13.05
CA LEU B 86 19.78 5.08 12.09
C LEU B 86 20.53 3.91 11.44
N LYS B 87 19.90 2.75 11.37
CA LYS B 87 20.45 1.57 10.69
C LYS B 87 19.52 1.14 9.56
N ASN B 88 19.99 0.30 8.65
CA ASN B 88 19.08 -0.19 7.62
C ASN B 88 17.84 -0.90 8.16
N GLU B 89 17.95 -1.62 9.26
CA GLU B 89 16.79 -2.33 9.80
CA GLU B 89 16.79 -2.32 9.84
C GLU B 89 15.66 -1.37 10.27
N ASP B 90 15.97 -0.09 10.47
CA ASP B 90 14.93 0.89 10.72
C ASP B 90 14.16 1.35 9.50
N THR B 91 14.61 1.04 8.30
CA THR B 91 13.85 1.37 7.10
C THR B 91 12.49 0.75 7.22
N ALA B 92 11.47 1.59 7.38
CA ALA B 92 10.09 1.07 7.59
C ALA B 92 9.00 2.14 7.53
N THR B 93 7.74 1.74 7.60
CA THR B 93 6.64 2.64 7.93
C THR B 93 6.34 2.69 9.45
N TYR B 94 6.18 3.91 9.99
CA TYR B 94 5.90 4.07 11.39
C TYR B 94 4.54 4.73 11.58
N PHE B 95 3.68 4.11 12.41
CA PHE B 95 2.36 4.64 12.78
C PHE B 95 2.28 5.11 14.23
N CYS B 96 1.72 6.30 14.45
CA CYS B 96 1.24 6.61 15.79
C CYS B 96 -0.20 6.04 15.87
N ALA B 97 -0.61 5.62 17.06
CA ALA B 97 -1.98 5.15 17.23
C ALA B 97 -2.41 5.56 18.63
N ARG B 98 -3.63 6.07 18.73
CA ARG B 98 -4.18 6.46 19.99
C ARG B 98 -4.54 5.24 20.79
N GLY B 99 -4.23 5.33 22.09
CA GLY B 99 -4.53 4.29 23.07
C GLY B 99 -5.78 4.65 23.83
N THR B 100 -6.84 3.90 23.59
CA THR B 100 -8.04 4.03 24.42
C THR B 100 -7.82 3.08 25.58
N THR B 101 -7.35 3.64 26.70
CA THR B 101 -6.88 2.85 27.85
C THR B 101 -8.03 2.15 28.55
N ILE B 102 -9.24 2.70 28.41
CA ILE B 102 -10.40 2.06 29.04
C ILE B 102 -10.68 0.62 28.55
N VAL B 103 -10.25 0.25 27.33
CA VAL B 103 -10.25 -1.16 26.92
C VAL B 103 -8.91 -1.58 26.36
N ARG B 104 -7.89 -0.73 26.59
CA ARG B 104 -6.50 -1.03 26.18
C ARG B 104 -6.43 -1.45 24.72
N ALA B 105 -6.63 -0.49 23.83
CA ALA B 105 -6.65 -0.77 22.41
C ALA B 105 -6.20 0.46 21.65
N PHE B 106 -5.94 0.29 20.35
CA PHE B 106 -5.42 1.41 19.58
C PHE B 106 -6.57 1.75 18.66
N ASP B 107 -7.36 2.73 19.04
CA ASP B 107 -8.61 2.94 18.32
C ASP B 107 -8.49 3.77 17.05
N TYR B 108 -7.52 4.66 16.98
CA TYR B 108 -7.33 5.49 15.77
C TYR B 108 -5.88 5.62 15.48
N TRP B 109 -5.51 5.42 14.21
CA TRP B 109 -4.09 5.40 13.79
C TRP B 109 -3.77 6.51 12.84
N GLY B 110 -2.51 6.93 12.79
CA GLY B 110 -2.05 7.86 11.76
C GLY B 110 -1.86 7.14 10.43
N GLN B 111 -1.50 7.88 9.37
CA GLN B 111 -1.57 7.34 8.02
C GLN B 111 -0.25 6.62 7.75
N GLY B 112 0.67 6.76 8.71
CA GLY B 112 2.00 6.17 8.64
C GLY B 112 2.96 7.09 7.98
N THR B 113 4.20 7.05 8.40
CA THR B 113 5.28 7.81 7.80
C THR B 113 6.34 6.80 7.41
N SER B 114 6.74 6.78 6.13
CA SER B 114 7.83 5.89 5.69
C SER B 114 9.24 6.52 5.74
N VAL B 115 10.20 5.74 6.23
CA VAL B 115 11.52 6.24 6.50
C VAL B 115 12.44 5.26 5.84
N THR B 116 13.26 5.75 4.91
CA THR B 116 14.22 4.92 4.22
C THR B 116 15.54 5.36 4.76
N VAL B 117 16.29 4.41 5.31
CA VAL B 117 17.70 4.62 5.60
C VAL B 117 18.55 4.10 4.44
N SER B 118 19.28 5.02 3.77
CA SER B 118 20.19 4.72 2.66
C SER B 118 21.39 5.66 2.59
N SER B 119 22.52 5.11 2.13
CA SER B 119 23.72 5.88 1.84
C SER B 119 23.55 6.77 0.59
N ALA B 120 22.62 6.37 -0.29
CA ALA B 120 22.37 7.03 -1.56
C ALA B 120 21.62 8.35 -1.49
N SER B 121 22.03 9.32 -2.31
CA SER B 121 21.27 10.55 -2.48
C SER B 121 19.91 10.27 -3.10
N THR B 122 18.99 11.19 -2.86
CA THR B 122 17.69 11.13 -3.46
C THR B 122 17.77 11.47 -4.93
N LYS B 123 16.74 11.14 -5.67
CA LYS B 123 16.72 11.30 -7.08
C LYS B 123 15.25 11.46 -7.42
N GLY B 124 14.89 12.63 -7.90
CA GLY B 124 13.53 12.91 -8.31
C GLY B 124 13.22 12.18 -9.60
N PRO B 125 11.93 11.89 -9.85
CA PRO B 125 11.47 11.15 -11.02
C PRO B 125 11.32 12.03 -12.25
N SER B 126 11.42 11.43 -13.43
CA SER B 126 10.98 12.09 -14.65
C SER B 126 9.60 11.57 -14.90
N VAL B 127 8.71 12.43 -15.40
CA VAL B 127 7.31 12.05 -15.60
C VAL B 127 6.94 12.18 -17.05
N PHE B 128 6.48 11.09 -17.65
CA PHE B 128 6.16 11.09 -19.08
C PHE B 128 4.75 10.65 -19.30
N PRO B 129 4.03 11.29 -20.24
CA PRO B 129 2.65 10.86 -20.49
C PRO B 129 2.57 9.49 -21.20
N LEU B 130 1.56 8.71 -20.84
CA LEU B 130 1.16 7.53 -21.58
C LEU B 130 -0.10 7.98 -22.31
N ALA B 131 -0.04 8.01 -23.62
CA ALA B 131 -1.11 8.64 -24.38
C ALA B 131 -2.11 7.65 -24.94
N PRO B 132 -3.41 8.02 -24.90
CA PRO B 132 -4.48 7.20 -25.48
C PRO B 132 -4.44 7.30 -26.98
N SER B 133 -4.79 6.20 -27.65
CA SER B 133 -5.01 6.23 -29.11
C SER B 133 -6.19 5.34 -29.49
N SER B 134 -6.51 5.30 -30.78
CA SER B 134 -7.60 4.45 -31.27
C SER B 134 -7.30 3.92 -32.67
N GLY B 140 -15.75 2.35 -26.65
CA GLY B 140 -16.16 3.54 -25.90
C GLY B 140 -15.26 3.86 -24.70
N THR B 141 -14.27 3.03 -24.43
CA THR B 141 -13.40 3.24 -23.27
C THR B 141 -11.94 3.32 -23.67
N ALA B 142 -11.30 4.43 -23.32
CA ALA B 142 -9.88 4.64 -23.62
C ALA B 142 -8.98 4.69 -22.36
N ALA B 143 -7.78 4.10 -22.45
CA ALA B 143 -6.86 4.18 -21.33
C ALA B 143 -5.78 5.22 -21.57
N LEU B 144 -5.30 5.82 -20.48
CA LEU B 144 -4.26 6.86 -20.54
C LEU B 144 -3.55 6.95 -19.19
N GLY B 145 -2.32 7.47 -19.17
CA GLY B 145 -1.52 7.48 -17.95
C GLY B 145 -0.25 8.33 -17.86
N CYS B 146 0.41 8.23 -16.72
CA CYS B 146 1.66 8.87 -16.48
C CYS B 146 2.65 7.79 -16.12
N LEU B 147 3.83 7.89 -16.73
CA LEU B 147 4.95 7.07 -16.39
C LEU B 147 5.91 7.83 -15.48
N VAL B 148 6.09 7.33 -14.26
CA VAL B 148 6.88 8.01 -13.24
C VAL B 148 8.15 7.21 -13.08
N LYS B 149 9.20 7.71 -13.71
CA LYS B 149 10.39 6.96 -14.05
C LYS B 149 11.62 7.43 -13.24
N ASP B 150 12.39 6.46 -12.76
CA ASP B 150 13.70 6.70 -12.14
C ASP B 150 13.71 7.62 -10.90
N TYR B 151 13.32 7.12 -9.75
CA TYR B 151 13.35 7.95 -8.53
C TYR B 151 13.88 7.11 -7.39
N PHE B 152 14.33 7.78 -6.33
CA PHE B 152 14.71 7.14 -5.07
C PHE B 152 14.66 8.21 -3.99
N PRO B 153 14.05 7.90 -2.84
CA PRO B 153 13.41 6.62 -2.49
C PRO B 153 11.91 6.60 -2.80
N GLU B 154 11.28 5.49 -2.48
CA GLU B 154 9.82 5.43 -2.28
C GLU B 154 9.42 6.35 -1.15
N PRO B 155 8.20 6.89 -1.19
CA PRO B 155 7.14 6.74 -2.18
C PRO B 155 7.04 7.98 -3.05
N VAL B 156 6.27 7.87 -4.13
CA VAL B 156 5.74 9.03 -4.82
C VAL B 156 4.23 9.01 -4.54
N THR B 157 3.58 10.16 -4.62
CA THR B 157 2.14 10.36 -4.51
C THR B 157 1.75 10.62 -5.94
N VAL B 158 0.69 10.01 -6.45
CA VAL B 158 0.18 10.42 -7.74
C VAL B 158 -1.28 10.70 -7.61
N SER B 159 -1.74 11.79 -8.18
CA SER B 159 -3.18 12.02 -8.23
C SER B 159 -3.52 12.57 -9.62
N TRP B 160 -4.76 12.45 -10.05
CA TRP B 160 -5.15 12.98 -11.35
C TRP B 160 -6.07 14.16 -11.13
N ASN B 161 -5.95 15.16 -12.00
CA ASN B 161 -6.81 16.36 -11.95
C ASN B 161 -6.98 16.94 -10.55
N SER B 162 -5.86 17.12 -9.85
CA SER B 162 -5.84 17.58 -8.44
C SER B 162 -6.74 16.80 -7.50
N GLY B 163 -6.77 15.47 -7.68
CA GLY B 163 -7.57 14.60 -6.84
C GLY B 163 -9.06 14.47 -7.19
N ALA B 164 -9.58 15.41 -8.00
CA ALA B 164 -10.98 15.36 -8.43
C ALA B 164 -11.36 14.15 -9.29
N LEU B 165 -10.39 13.38 -9.78
CA LEU B 165 -10.67 12.11 -10.49
C LEU B 165 -10.05 10.92 -9.76
N THR B 166 -10.91 10.08 -9.19
CA THR B 166 -10.45 8.90 -8.45
C THR B 166 -10.90 7.59 -9.10
N SER B 167 -12.06 7.62 -9.75
CA SER B 167 -12.62 6.44 -10.34
C SER B 167 -11.79 5.94 -11.51
N GLY B 168 -11.60 4.62 -11.59
CA GLY B 168 -10.92 3.96 -12.71
C GLY B 168 -9.43 4.23 -12.80
N VAL B 169 -8.76 4.39 -11.65
CA VAL B 169 -7.37 4.79 -11.59
C VAL B 169 -6.57 3.70 -10.93
N HIS B 170 -5.48 3.30 -11.58
CA HIS B 170 -4.58 2.35 -10.95
C HIS B 170 -3.18 2.92 -10.92
N THR B 171 -2.68 3.19 -9.72
CA THR B 171 -1.29 3.55 -9.55
C THR B 171 -0.58 2.27 -9.17
N PHE B 172 0.35 1.83 -10.00
CA PHE B 172 0.96 0.52 -9.75
C PHE B 172 2.05 0.50 -8.65
N PRO B 173 2.27 -0.66 -8.03
CA PRO B 173 3.45 -0.73 -7.20
C PRO B 173 4.71 -0.34 -7.99
N ALA B 174 5.58 0.44 -7.36
CA ALA B 174 6.91 0.73 -7.85
C ALA B 174 7.74 -0.55 -8.07
N VAL B 175 8.52 -0.57 -9.15
CA VAL B 175 9.44 -1.66 -9.39
C VAL B 175 10.84 -1.07 -9.60
N LEU B 176 11.82 -1.83 -9.12
CA LEU B 176 13.24 -1.50 -9.27
C LEU B 176 13.79 -2.01 -10.59
N GLN B 177 14.65 -1.20 -11.18
CA GLN B 177 15.34 -1.54 -12.42
C GLN B 177 16.79 -1.84 -12.06
N SER B 178 17.55 -2.41 -13.00
CA SER B 178 18.95 -2.73 -12.73
C SER B 178 19.71 -1.50 -12.30
N SER B 179 19.21 -0.33 -12.64
CA SER B 179 19.82 0.91 -12.22
C SER B 179 19.77 1.24 -10.72
N GLY B 180 19.01 0.53 -9.90
CA GLY B 180 18.88 0.87 -8.48
C GLY B 180 17.71 1.81 -8.17
N LEU B 181 16.98 2.22 -9.22
CA LEU B 181 15.92 3.23 -9.09
C LEU B 181 14.55 2.68 -9.38
N TYR B 182 13.54 3.32 -8.77
CA TYR B 182 12.13 2.93 -8.98
C TYR B 182 11.49 3.52 -10.24
N SER B 183 10.48 2.84 -10.75
CA SER B 183 9.59 3.34 -11.77
C SER B 183 8.22 2.78 -11.53
N LEU B 184 7.22 3.59 -11.83
CA LEU B 184 5.83 3.10 -11.85
C LEU B 184 5.05 3.87 -12.88
N SER B 185 3.86 3.38 -13.15
CA SER B 185 2.88 4.00 -14.03
C SER B 185 1.58 4.18 -13.26
N SER B 186 0.89 5.27 -13.53
CA SER B 186 -0.46 5.43 -13.06
C SER B 186 -1.34 5.55 -14.27
N VAL B 187 -2.36 4.71 -14.35
CA VAL B 187 -3.29 4.82 -15.47
C VAL B 187 -4.70 5.06 -15.02
N VAL B 188 -5.50 5.57 -15.94
CA VAL B 188 -6.91 5.73 -15.73
C VAL B 188 -7.65 5.32 -16.99
N THR B 189 -8.86 4.78 -16.83
CA THR B 189 -9.76 4.52 -17.96
C THR B 189 -10.88 5.54 -17.94
N VAL B 190 -11.31 5.93 -19.13
CA VAL B 190 -12.26 7.05 -19.29
C VAL B 190 -13.07 6.87 -20.57
N PRO B 191 -14.30 7.45 -20.61
CA PRO B 191 -15.08 7.47 -21.85
C PRO B 191 -14.33 8.16 -22.97
N SER B 192 -14.08 7.40 -24.05
CA SER B 192 -13.32 7.88 -25.19
C SER B 192 -13.98 9.09 -25.88
N SER B 193 -15.19 9.42 -25.45
CA SER B 193 -15.92 10.59 -25.99
C SER B 193 -15.48 11.89 -25.31
N SER B 194 -14.99 11.79 -24.07
CA SER B 194 -14.51 12.93 -23.29
C SER B 194 -13.03 13.29 -23.55
N LEU B 195 -12.38 12.53 -24.42
CA LEU B 195 -11.00 12.81 -24.80
C LEU B 195 -10.85 14.18 -25.42
N GLY B 196 -11.90 14.65 -26.10
CA GLY B 196 -11.89 15.96 -26.76
C GLY B 196 -12.70 17.01 -26.03
N THR B 197 -12.89 16.82 -24.73
CA THR B 197 -13.52 17.83 -23.87
C THR B 197 -12.72 17.94 -22.57
N GLN B 198 -12.65 16.82 -21.86
CA GLN B 198 -12.05 16.77 -20.55
C GLN B 198 -10.52 16.69 -20.66
N THR B 199 -9.86 17.64 -20.00
CA THR B 199 -8.39 17.68 -19.98
C THR B 199 -7.90 16.96 -18.72
N TYR B 200 -6.90 16.11 -18.90
CA TYR B 200 -6.41 15.23 -17.83
C TYR B 200 -4.96 15.48 -17.44
N ILE B 201 -4.77 15.88 -16.19
CA ILE B 201 -3.46 16.20 -15.64
C ILE B 201 -3.13 15.23 -14.51
N CYS B 202 -2.03 14.52 -14.60
CA CYS B 202 -1.57 13.79 -13.42
C CYS B 202 -0.63 14.65 -12.59
N ASN B 203 -0.78 14.55 -11.28
CA ASN B 203 0.00 15.32 -10.34
C ASN B 203 0.87 14.32 -9.62
N VAL B 204 2.18 14.51 -9.75
CA VAL B 204 3.10 13.60 -9.15
C VAL B 204 3.89 14.35 -8.12
N ASN B 205 4.00 13.78 -6.93
CA ASN B 205 4.75 14.39 -5.87
C ASN B 205 5.77 13.45 -5.25
N HIS B 206 7.04 13.83 -5.20
CA HIS B 206 8.03 12.98 -4.57
C HIS B 206 8.77 13.83 -3.54
N LYS B 207 8.18 13.90 -2.35
CA LYS B 207 8.72 14.72 -1.25
C LYS B 207 10.22 14.63 -0.91
N PRO B 208 10.80 13.41 -0.83
CA PRO B 208 12.23 13.38 -0.44
C PRO B 208 13.15 14.19 -1.35
N SER B 209 12.73 14.45 -2.59
CA SER B 209 13.51 15.32 -3.48
C SER B 209 12.79 16.64 -3.81
N ASN B 210 11.65 16.92 -3.18
CA ASN B 210 10.89 18.15 -3.46
C ASN B 210 10.50 18.35 -4.92
N THR B 211 10.12 17.27 -5.56
CA THR B 211 9.65 17.32 -6.93
C THR B 211 8.13 17.31 -6.94
N LYS B 212 7.52 18.35 -7.49
CA LYS B 212 6.07 18.39 -7.65
C LYS B 212 5.72 18.68 -9.10
N VAL B 213 5.39 17.65 -9.87
CA VAL B 213 5.11 17.84 -11.29
C VAL B 213 3.63 17.66 -11.61
N ASP B 214 3.21 18.36 -12.66
CA ASP B 214 1.88 18.24 -13.25
C ASP B 214 2.05 18.05 -14.74
N LYS B 215 1.38 17.04 -15.30
CA LYS B 215 1.62 16.64 -16.69
C LYS B 215 0.33 16.39 -17.45
N LYS B 216 0.06 17.24 -18.45
CA LYS B 216 -1.08 17.07 -19.36
C LYS B 216 -0.92 15.85 -20.25
N VAL B 217 -1.94 15.01 -20.26
CA VAL B 217 -1.93 13.81 -21.08
C VAL B 217 -2.92 13.97 -22.23
N GLU B 218 -2.40 14.18 -23.44
CA GLU B 218 -3.26 14.41 -24.59
C GLU B 218 -3.02 13.37 -25.69
N PRO B 219 -4.05 13.07 -26.51
CA PRO B 219 -3.91 12.23 -27.71
C PRO B 219 -2.48 12.10 -28.25
#